data_4AFZ
#
_entry.id   4AFZ
#
_cell.length_a   60.269
_cell.length_b   58.341
_cell.length_c   93.032
_cell.angle_alpha   90.00
_cell.angle_beta   103.76
_cell.angle_gamma   90.00
#
_symmetry.space_group_name_H-M   'P 1 21 1'
#
loop_
_entity.id
_entity.type
_entity.pdbx_description
1 polymer CHYMASE
2 polymer FYNOMER
3 non-polymer 'D(-)-TARTARIC ACID'
4 water water
#
loop_
_entity_poly.entity_id
_entity_poly.type
_entity_poly.pdbx_seq_one_letter_code
_entity_poly.pdbx_strand_id
1 'polypeptide(L)'
;IIGGTECKPHSRPYMAYLEIVTSNGPSKFCGGFLIRRNFVLTAAHCAGRSITVTLGAHNITEEEDTWQKLEVIKQFRHPK
YNTSTLHHDIMLLKLKEKASLTLAVGTLPFPSQFNFVPPGRMCRVAGWGRTGVLKPGSDTLQEVKLRLMDPQACSHFRDF
DHNLQLCVGNPRKTKSAFKGDSGGPLLCAGVAQGIVSYGRSDAKPPAVFTRISHYRPWINQILQAN
;
A,B
2 'polypeptide(L)'
;MRGSGVTLFVALYDYNATRWTDLSFHKGEKFQILEFGPGDWWEARSLTTGETGYIPSNYVAPVDSIQGEQKLISEEDLHH
HHHH
;
C,D
#
loop_
_chem_comp.id
_chem_comp.type
_chem_comp.name
_chem_comp.formula
TAR non-polymer 'D(-)-TARTARIC ACID' 'C4 H6 O6'
#
# COMPACT_ATOMS: atom_id res chain seq x y z
N ILE A 1 -7.64 -13.64 -14.44
CA ILE A 1 -6.22 -13.31 -14.07
C ILE A 1 -5.70 -12.28 -15.05
N ILE A 2 -5.36 -11.09 -14.57
CA ILE A 2 -4.84 -10.06 -15.45
C ILE A 2 -3.32 -9.99 -15.38
N GLY A 3 -2.67 -9.95 -16.52
CA GLY A 3 -1.23 -9.80 -16.59
C GLY A 3 -0.51 -11.11 -16.33
N GLY A 4 -1.24 -12.22 -16.41
CA GLY A 4 -0.68 -13.55 -16.17
C GLY A 4 -0.21 -14.28 -17.41
N THR A 5 0.13 -15.55 -17.25
CA THR A 5 0.52 -16.41 -18.38
C THR A 5 -0.29 -17.71 -18.29
N GLU A 6 -0.46 -18.42 -19.39
CA GLU A 6 -1.08 -19.75 -19.37
C GLU A 6 -0.26 -20.73 -18.54
N CYS A 7 -0.89 -21.42 -17.60
CA CYS A 7 -0.20 -22.47 -16.84
C CYS A 7 0.30 -23.57 -17.74
N LYS A 8 1.41 -24.19 -17.35
CA LYS A 8 1.75 -25.50 -17.88
C LYS A 8 0.54 -26.42 -17.57
N PRO A 9 -0.07 -27.04 -18.59
CA PRO A 9 -1.34 -27.78 -18.35
C PRO A 9 -1.20 -28.84 -17.25
N HIS A 10 -2.14 -28.89 -16.32
CA HIS A 10 -2.20 -29.93 -15.27
C HIS A 10 -1.06 -29.82 -14.30
N SER A 11 -0.44 -28.65 -14.20
CA SER A 11 0.66 -28.47 -13.24
C SER A 11 0.12 -27.99 -11.88
N ARG A 12 -1.17 -27.63 -11.82
CA ARG A 12 -1.79 -27.26 -10.58
C ARG A 12 -3.03 -28.11 -10.40
N PRO A 13 -2.83 -29.39 -10.07
CA PRO A 13 -3.92 -30.40 -10.17
C PRO A 13 -5.01 -30.26 -9.12
N TYR A 14 -4.85 -29.32 -8.21
CA TYR A 14 -5.80 -29.05 -7.13
C TYR A 14 -6.86 -28.08 -7.59
N MET A 15 -6.67 -27.49 -8.79
CA MET A 15 -7.54 -26.41 -9.23
C MET A 15 -8.91 -26.97 -9.54
N ALA A 16 -9.94 -26.32 -9.02
CA ALA A 16 -11.31 -26.74 -9.32
C ALA A 16 -12.11 -25.65 -10.09
N TYR A 17 -12.88 -26.02 -11.08
CA TYR A 17 -13.67 -25.01 -11.75
C TYR A 17 -15.12 -25.19 -11.33
N LEU A 18 -15.77 -24.11 -10.90
CA LEU A 18 -17.15 -24.21 -10.37
C LEU A 18 -18.19 -23.61 -11.30
N GLU A 19 -19.17 -24.43 -11.72
CA GLU A 19 -20.35 -23.91 -12.41
C GLU A 19 -21.53 -23.85 -11.41
N ILE A 20 -21.99 -22.64 -11.11
CA ILE A 20 -23.00 -22.39 -10.07
C ILE A 20 -24.31 -22.00 -10.76
N VAL A 21 -25.40 -22.70 -10.43
CA VAL A 21 -26.70 -22.51 -11.05
C VAL A 21 -27.66 -21.99 -10.00
N THR A 22 -28.45 -20.97 -10.39
CA THR A 22 -29.25 -20.14 -9.47
C THR A 22 -30.78 -20.22 -9.73
N GLY A 25 -32.02 -20.64 -13.79
CA GLY A 25 -31.59 -19.85 -14.94
C GLY A 25 -30.10 -19.99 -15.30
N PRO A 26 -29.45 -18.88 -15.75
CA PRO A 26 -28.07 -18.92 -16.25
C PRO A 26 -27.02 -19.00 -15.15
N SER A 27 -25.93 -19.71 -15.44
CA SER A 27 -24.97 -20.08 -14.42
C SER A 27 -23.81 -19.10 -14.22
N LYS A 28 -23.31 -18.97 -12.98
CA LYS A 28 -22.07 -18.22 -12.71
C LYS A 28 -20.87 -19.15 -12.50
N PHE A 29 -19.67 -18.59 -12.52
N PHE A 29 -19.65 -18.61 -12.60
CA PHE A 29 -18.47 -19.40 -12.48
CA PHE A 29 -18.46 -19.46 -12.49
C PHE A 29 -17.46 -18.90 -11.47
C PHE A 29 -17.34 -18.92 -11.60
N CYS A 30 -16.75 -19.82 -10.83
CA CYS A 30 -15.73 -19.48 -9.85
C CYS A 30 -14.60 -20.50 -9.91
N GLY A 31 -13.50 -20.20 -9.25
CA GLY A 31 -12.45 -21.16 -8.98
C GLY A 31 -12.62 -21.73 -7.58
N GLY A 32 -11.75 -22.68 -7.23
CA GLY A 32 -11.73 -23.30 -5.93
C GLY A 32 -10.58 -24.26 -6.04
N PHE A 33 -10.34 -25.03 -4.98
CA PHE A 33 -9.27 -26.02 -4.99
C PHE A 33 -9.58 -27.20 -4.07
N LEU A 34 -9.11 -28.37 -4.47
CA LEU A 34 -9.36 -29.60 -3.73
C LEU A 34 -8.46 -29.65 -2.48
N ILE A 35 -9.07 -29.78 -1.29
CA ILE A 35 -8.32 -29.98 -0.05
C ILE A 35 -8.45 -31.39 0.56
N ARG A 36 -9.51 -32.12 0.18
CA ARG A 36 -9.66 -33.55 0.48
C ARG A 36 -10.26 -34.20 -0.76
N ARG A 37 -10.27 -35.52 -0.86
CA ARG A 37 -10.83 -36.13 -2.08
C ARG A 37 -12.29 -35.72 -2.36
N ASN A 38 -13.06 -35.40 -1.31
CA ASN A 38 -14.47 -35.00 -1.47
C ASN A 38 -14.80 -33.59 -0.96
N PHE A 39 -13.79 -32.74 -0.84
CA PHE A 39 -14.01 -31.36 -0.38
C PHE A 39 -13.24 -30.34 -1.17
N VAL A 40 -13.96 -29.31 -1.61
CA VAL A 40 -13.38 -28.23 -2.35
C VAL A 40 -13.55 -26.97 -1.50
N LEU A 41 -12.47 -26.21 -1.37
CA LEU A 41 -12.51 -24.90 -0.69
C LEU A 41 -12.78 -23.82 -1.71
N THR A 42 -13.66 -22.88 -1.41
CA THR A 42 -13.86 -21.73 -2.30
C THR A 42 -14.26 -20.46 -1.51
N ALA A 43 -14.62 -19.39 -2.20
CA ALA A 43 -15.15 -18.21 -1.50
C ALA A 43 -16.66 -18.36 -1.20
N ALA A 44 -17.11 -17.76 -0.12
CA ALA A 44 -18.51 -17.79 0.28
C ALA A 44 -19.46 -17.17 -0.77
N HIS A 45 -19.03 -16.11 -1.44
CA HIS A 45 -19.93 -15.42 -2.41
C HIS A 45 -20.19 -16.13 -3.70
N CYS A 46 -19.56 -17.30 -3.87
CA CYS A 46 -19.82 -18.20 -5.01
C CYS A 46 -20.96 -19.22 -4.75
N ALA A 47 -21.69 -19.09 -3.64
CA ALA A 47 -22.71 -20.08 -3.27
C ALA A 47 -23.90 -19.95 -4.21
N GLY A 48 -24.64 -21.02 -4.45
CA GLY A 48 -25.82 -20.91 -5.28
C GLY A 48 -26.68 -22.08 -4.97
N ARG A 49 -27.68 -22.35 -5.79
CA ARG A 49 -28.62 -23.42 -5.48
C ARG A 49 -27.99 -24.80 -5.76
N SER A 50 -27.22 -24.90 -6.85
CA SER A 50 -26.47 -26.13 -7.15
C SER A 50 -25.17 -25.79 -7.82
N ILE A 51 -24.14 -26.59 -7.52
CA ILE A 51 -22.81 -26.38 -8.00
C ILE A 51 -22.29 -27.68 -8.62
N THR A 52 -21.59 -27.53 -9.73
CA THR A 52 -20.87 -28.61 -10.37
C THR A 52 -19.38 -28.23 -10.36
N VAL A 53 -18.53 -29.17 -9.92
CA VAL A 53 -17.07 -29.00 -9.88
C VAL A 53 -16.41 -29.83 -11.02
N THR A 54 -15.46 -29.23 -11.73
CA THR A 54 -14.71 -29.95 -12.74
C THR A 54 -13.27 -29.92 -12.29
N LEU A 55 -12.72 -31.12 -12.02
CA LEU A 55 -11.32 -31.26 -11.66
C LEU A 55 -10.54 -31.79 -12.87
N GLY A 56 -9.23 -31.59 -12.87
CA GLY A 56 -8.37 -32.10 -13.92
C GLY A 56 -8.37 -31.32 -15.21
N ALA A 57 -8.92 -30.09 -15.23
CA ALA A 57 -9.01 -29.32 -16.49
C ALA A 57 -7.85 -28.35 -16.73
N HIS A 58 -7.59 -28.07 -18.00
CA HIS A 58 -6.72 -26.94 -18.38
C HIS A 58 -7.53 -26.02 -19.24
N ASN A 59 -7.94 -26.50 -20.42
CA ASN A 59 -8.87 -25.75 -21.25
C ASN A 59 -10.24 -26.21 -20.86
N ILE A 60 -11.00 -25.31 -20.21
CA ILE A 60 -12.29 -25.66 -19.62
C ILE A 60 -13.37 -25.93 -20.67
N THR A 61 -13.09 -25.58 -21.92
CA THR A 61 -14.08 -25.78 -22.99
C THR A 61 -13.84 -27.08 -23.75
N GLU A 62 -12.78 -27.79 -23.44
CA GLU A 62 -12.45 -29.03 -24.13
C GLU A 62 -12.40 -30.21 -23.16
N GLU A 63 -13.43 -31.07 -23.16
CA GLU A 63 -13.45 -32.28 -22.31
C GLU A 63 -12.21 -33.12 -22.58
N GLU A 64 -11.50 -33.52 -21.53
CA GLU A 64 -10.33 -34.38 -21.75
C GLU A 64 -10.31 -35.61 -20.86
N ASP A 65 -9.26 -36.41 -20.99
CA ASP A 65 -9.14 -37.69 -20.32
C ASP A 65 -9.00 -37.52 -18.82
N THR A 66 -8.38 -36.41 -18.43
CA THR A 66 -8.05 -36.04 -17.08
C THR A 66 -9.22 -35.48 -16.27
N TRP A 67 -10.34 -35.17 -16.91
CA TRP A 67 -11.46 -34.52 -16.19
C TRP A 67 -12.12 -35.47 -15.26
N GLN A 68 -12.48 -34.96 -14.10
CA GLN A 68 -13.44 -35.62 -13.22
C GLN A 68 -14.53 -34.57 -12.90
N LYS A 69 -15.80 -34.88 -13.18
CA LYS A 69 -16.86 -33.86 -13.08
C LYS A 69 -17.87 -34.32 -12.03
N LEU A 70 -17.97 -33.58 -10.91
CA LEU A 70 -18.74 -34.06 -9.72
C LEU A 70 -19.77 -33.06 -9.21
N GLU A 71 -20.95 -33.53 -8.80
CA GLU A 71 -21.92 -32.65 -8.17
C GLU A 71 -21.49 -32.37 -6.74
N VAL A 72 -21.90 -31.21 -6.24
CA VAL A 72 -21.73 -30.86 -4.86
C VAL A 72 -22.98 -31.30 -4.13
N ILE A 73 -22.85 -32.00 -3.01
CA ILE A 73 -24.05 -32.40 -2.29
C ILE A 73 -24.35 -31.50 -1.10
N LYS A 74 -23.35 -30.77 -0.62
CA LYS A 74 -23.55 -29.88 0.52
C LYS A 74 -22.60 -28.72 0.49
N GLN A 75 -23.13 -27.54 0.81
CA GLN A 75 -22.40 -26.27 0.85
C GLN A 75 -22.26 -25.84 2.29
N PHE A 76 -21.04 -25.60 2.74
CA PHE A 76 -20.80 -25.15 4.09
C PHE A 76 -20.21 -23.72 4.01
N ARG A 77 -21.10 -22.73 3.97
CA ARG A 77 -20.72 -21.31 3.98
C ARG A 77 -20.38 -20.88 5.41
N HIS A 78 -19.35 -20.07 5.59
CA HIS A 78 -18.99 -19.64 6.93
C HIS A 78 -20.14 -18.92 7.58
N PRO A 79 -20.47 -19.26 8.86
CA PRO A 79 -21.68 -18.68 9.45
C PRO A 79 -21.68 -17.17 9.67
N LYS A 80 -20.50 -16.55 9.65
CA LYS A 80 -20.40 -15.15 9.94
C LYS A 80 -20.11 -14.31 8.69
N TYR A 81 -20.18 -14.92 7.49
CA TYR A 81 -20.00 -14.21 6.22
C TYR A 81 -21.00 -13.04 6.13
N ASN A 82 -20.54 -11.92 5.61
CA ASN A 82 -21.33 -10.71 5.57
C ASN A 82 -21.04 -10.02 4.24
N THR A 83 -22.10 -9.68 3.52
CA THR A 83 -21.98 -9.13 2.16
C THR A 83 -21.61 -7.63 2.11
N SER A 84 -21.78 -6.91 3.22
CA SER A 84 -21.31 -5.51 3.33
C SER A 84 -19.80 -5.39 3.37
N THR A 85 -19.16 -6.33 4.05
CA THR A 85 -17.72 -6.27 4.28
C THR A 85 -17.01 -7.37 3.50
N LEU A 86 -17.78 -8.40 3.14
CA LEU A 86 -17.25 -9.65 2.62
C LEU A 86 -16.22 -10.30 3.55
N HIS A 87 -16.29 -9.98 4.84
CA HIS A 87 -15.54 -10.73 5.84
C HIS A 87 -15.93 -12.17 5.82
N HIS A 88 -14.97 -13.05 6.14
CA HIS A 88 -15.18 -14.50 6.13
C HIS A 88 -15.76 -15.06 4.82
N ASP A 89 -15.15 -14.68 3.69
CA ASP A 89 -15.60 -15.10 2.37
C ASP A 89 -15.00 -16.48 2.10
N ILE A 90 -15.52 -17.49 2.79
CA ILE A 90 -14.94 -18.82 2.72
C ILE A 90 -16.10 -19.82 2.77
N MET A 91 -15.96 -20.83 1.93
CA MET A 91 -16.95 -21.91 1.83
C MET A 91 -16.25 -23.24 1.53
N LEU A 92 -16.73 -24.29 2.18
CA LEU A 92 -16.33 -25.65 1.88
C LEU A 92 -17.45 -26.36 1.11
N LEU A 93 -17.05 -27.04 0.03
CA LEU A 93 -17.98 -27.79 -0.79
C LEU A 93 -17.71 -29.27 -0.64
N LYS A 94 -18.73 -30.01 -0.20
CA LYS A 94 -18.65 -31.47 -0.17
C LYS A 94 -19.22 -32.11 -1.45
N LEU A 95 -18.36 -32.87 -2.13
CA LEU A 95 -18.66 -33.55 -3.39
C LEU A 95 -19.43 -34.87 -3.21
N LYS A 96 -20.19 -35.26 -4.23
CA LYS A 96 -21.05 -36.44 -4.17
C LYS A 96 -20.26 -37.74 -4.07
N GLU A 97 -19.05 -37.71 -4.60
CA GLU A 97 -18.18 -38.88 -4.61
C GLU A 97 -16.79 -38.32 -4.41
N LYS A 98 -15.88 -39.20 -4.03
CA LYS A 98 -14.48 -38.85 -3.86
C LYS A 98 -13.76 -38.81 -5.20
N ALA A 99 -12.98 -37.76 -5.42
CA ALA A 99 -12.13 -37.68 -6.59
C ALA A 99 -11.06 -38.76 -6.49
N SER A 100 -10.54 -39.18 -7.63
CA SER A 100 -9.42 -40.10 -7.70
C SER A 100 -8.19 -39.23 -7.85
N LEU A 101 -7.13 -39.59 -7.14
CA LEU A 101 -5.88 -38.88 -7.22
C LEU A 101 -5.09 -39.40 -8.40
N THR A 102 -4.79 -38.51 -9.33
CA THR A 102 -4.00 -38.83 -10.50
C THR A 102 -2.96 -37.73 -10.63
N LEU A 103 -2.11 -37.83 -11.63
CA LEU A 103 -1.21 -36.73 -11.96
C LEU A 103 -1.94 -35.37 -12.20
N ALA A 104 -3.16 -35.41 -12.71
CA ALA A 104 -3.91 -34.19 -13.04
C ALA A 104 -4.97 -33.77 -12.03
N VAL A 105 -5.22 -34.60 -11.03
CA VAL A 105 -6.11 -34.19 -9.92
C VAL A 105 -5.48 -34.52 -8.55
N GLY A 106 -5.28 -33.50 -7.71
CA GLY A 106 -4.59 -33.66 -6.42
C GLY A 106 -5.10 -32.65 -5.41
N THR A 107 -4.79 -32.88 -4.15
CA THR A 107 -5.20 -32.02 -3.07
C THR A 107 -4.07 -31.07 -2.71
N LEU A 108 -4.44 -29.89 -2.23
CA LEU A 108 -3.48 -28.88 -1.78
C LEU A 108 -3.52 -28.78 -0.25
N PRO A 109 -2.37 -28.89 0.39
CA PRO A 109 -2.33 -28.68 1.84
C PRO A 109 -2.84 -27.28 2.20
N PHE A 110 -3.53 -27.16 3.34
CA PHE A 110 -3.89 -25.85 3.88
C PHE A 110 -3.13 -25.59 5.20
N PRO A 111 -2.97 -24.33 5.61
CA PRO A 111 -1.98 -24.04 6.66
C PRO A 111 -2.44 -24.20 8.10
N SER A 112 -1.47 -24.42 8.98
CA SER A 112 -1.62 -24.25 10.42
C SER A 112 -2.08 -22.83 10.78
N GLN A 113 -2.86 -22.70 11.85
N GLN A 113 -2.83 -22.77 11.88
CA GLN A 113 -3.30 -21.37 12.29
CA GLN A 113 -3.33 -21.56 12.51
C GLN A 113 -2.16 -20.48 12.78
C GLN A 113 -2.21 -20.55 12.84
N PHE A 114 -1.05 -21.10 13.18
CA PHE A 114 0.10 -20.32 13.61
C PHE A 114 0.90 -19.77 12.45
N ASN A 115 0.67 -20.34 11.27
CA ASN A 115 1.30 -19.95 10.01
C ASN A 115 0.80 -18.57 9.52
N PHE A 116 1.35 -17.47 10.04
CA PHE A 116 0.91 -16.11 9.65
C PHE A 116 1.81 -15.46 8.58
N VAL A 117 1.37 -15.51 7.33
CA VAL A 117 2.21 -15.02 6.21
C VAL A 117 2.31 -13.48 6.15
N PRO A 118 3.53 -12.93 6.33
CA PRO A 118 3.76 -11.47 6.42
C PRO A 118 3.76 -10.77 5.07
N PRO A 119 3.58 -9.43 5.04
CA PRO A 119 3.76 -8.67 3.79
C PRO A 119 5.19 -8.74 3.24
N GLY A 120 5.31 -8.53 1.94
CA GLY A 120 6.61 -8.50 1.28
C GLY A 120 6.92 -9.71 0.42
N ARG A 121 6.25 -10.83 0.61
CA ARG A 121 6.63 -11.98 -0.19
C ARG A 121 5.80 -12.15 -1.46
N MET A 122 6.35 -12.89 -2.41
CA MET A 122 5.70 -13.15 -3.69
C MET A 122 4.90 -14.44 -3.59
N CYS A 123 3.68 -14.44 -4.10
CA CYS A 123 2.85 -15.64 -4.13
C CYS A 123 2.26 -15.84 -5.54
N ARG A 124 1.57 -16.95 -5.77
CA ARG A 124 1.00 -17.23 -7.08
C ARG A 124 -0.47 -17.58 -6.98
N VAL A 125 -1.26 -17.06 -7.91
CA VAL A 125 -2.68 -17.39 -7.91
C VAL A 125 -3.03 -17.79 -9.33
N ALA A 126 -4.03 -18.66 -9.48
CA ALA A 126 -4.43 -19.16 -10.79
C ALA A 126 -5.94 -19.12 -10.95
N GLY A 127 -6.43 -19.13 -12.17
CA GLY A 127 -7.86 -19.20 -12.35
C GLY A 127 -8.22 -18.99 -13.79
N TRP A 128 -9.52 -19.08 -14.05
CA TRP A 128 -10.05 -18.95 -15.41
C TRP A 128 -10.80 -17.66 -15.61
N GLY A 129 -10.62 -16.71 -14.71
CA GLY A 129 -11.39 -15.47 -14.80
C GLY A 129 -11.07 -14.62 -16.03
N ARG A 130 -11.68 -13.45 -16.10
CA ARG A 130 -11.38 -12.45 -17.12
C ARG A 130 -9.91 -12.04 -17.08
N THR A 131 -9.37 -11.72 -18.26
CA THR A 131 -7.98 -11.33 -18.35
C THR A 131 -7.82 -9.85 -18.64
N GLY A 132 -8.91 -9.12 -18.41
CA GLY A 132 -8.99 -7.67 -18.58
C GLY A 132 -10.38 -7.24 -18.13
N VAL A 133 -10.55 -5.95 -17.92
CA VAL A 133 -11.82 -5.41 -17.42
C VAL A 133 -12.98 -5.83 -18.32
N LEU A 134 -12.80 -5.72 -19.63
CA LEU A 134 -13.87 -5.98 -20.60
C LEU A 134 -13.65 -7.25 -21.44
N LYS A 135 -12.77 -8.13 -21.01
CA LYS A 135 -12.41 -9.30 -21.81
C LYS A 135 -13.20 -10.51 -21.30
N PRO A 136 -13.35 -11.57 -22.13
CA PRO A 136 -14.00 -12.79 -21.69
C PRO A 136 -13.20 -13.54 -20.64
N GLY A 137 -13.84 -14.48 -19.94
CA GLY A 137 -13.12 -15.49 -19.18
C GLY A 137 -12.08 -16.21 -20.02
N SER A 138 -10.99 -16.64 -19.40
CA SER A 138 -9.97 -17.39 -20.13
C SER A 138 -10.37 -18.85 -20.24
N ASP A 139 -10.30 -19.38 -21.45
CA ASP A 139 -10.60 -20.78 -21.69
C ASP A 139 -9.59 -21.69 -20.98
N THR A 140 -8.35 -21.25 -20.94
CA THR A 140 -7.26 -21.99 -20.34
C THR A 140 -6.92 -21.41 -18.98
N LEU A 141 -6.52 -22.28 -18.06
CA LEU A 141 -6.07 -21.89 -16.76
C LEU A 141 -4.83 -20.97 -16.87
N GLN A 142 -4.86 -19.88 -16.12
CA GLN A 142 -3.83 -18.84 -16.21
C GLN A 142 -3.26 -18.70 -14.80
N GLU A 143 -2.04 -18.20 -14.70
CA GLU A 143 -1.44 -17.92 -13.38
C GLU A 143 -0.65 -16.63 -13.36
N VAL A 144 -0.62 -15.98 -12.20
CA VAL A 144 0.21 -14.80 -12.03
C VAL A 144 0.90 -14.79 -10.66
N LYS A 145 2.09 -14.22 -10.65
CA LYS A 145 2.88 -14.00 -9.46
C LYS A 145 2.52 -12.61 -8.91
N LEU A 146 2.12 -12.54 -7.64
CA LEU A 146 1.76 -11.27 -7.02
C LEU A 146 2.48 -11.00 -5.70
N ARG A 147 2.55 -9.73 -5.32
CA ARG A 147 3.18 -9.34 -4.06
C ARG A 147 2.19 -9.14 -2.91
N LEU A 148 2.49 -9.72 -1.76
CA LEU A 148 1.78 -9.42 -0.51
C LEU A 148 2.11 -8.02 -0.02
N MET A 149 1.07 -7.25 0.24
CA MET A 149 1.22 -5.83 0.55
C MET A 149 0.93 -5.61 2.04
N ASP A 150 1.48 -4.52 2.58
CA ASP A 150 1.11 -4.07 3.92
C ASP A 150 -0.42 -3.77 3.98
N PRO A 151 -1.08 -4.10 5.10
CA PRO A 151 -2.53 -3.91 5.15
C PRO A 151 -2.99 -2.49 4.92
N GLN A 152 -2.08 -1.53 5.09
CA GLN A 152 -2.35 -0.10 4.87
C GLN A 152 -2.78 0.16 3.41
N ALA A 153 -2.31 -0.67 2.47
CA ALA A 153 -2.54 -0.41 1.05
C ALA A 153 -3.91 -0.89 0.62
N CYS A 154 -4.63 -1.54 1.53
CA CYS A 154 -5.98 -2.03 1.24
C CYS A 154 -6.95 -1.23 2.14
N SER A 155 -6.51 -0.07 2.61
CA SER A 155 -7.35 0.71 3.53
C SER A 155 -8.58 1.35 2.84
N HIS A 156 -8.57 1.42 1.51
CA HIS A 156 -9.72 1.91 0.78
C HIS A 156 -10.83 0.87 0.79
N PHE A 157 -10.52 -0.38 1.12
CA PHE A 157 -11.54 -1.42 1.24
C PHE A 157 -12.19 -1.43 2.62
N ARG A 158 -13.49 -1.75 2.68
CA ARG A 158 -14.29 -1.60 3.90
C ARG A 158 -13.91 -2.57 5.00
N ASP A 159 -13.64 -2.01 6.17
CA ASP A 159 -13.26 -2.76 7.35
C ASP A 159 -12.25 -3.86 7.03
N PHE A 160 -11.29 -3.56 6.13
CA PHE A 160 -10.21 -4.51 5.84
C PHE A 160 -9.58 -4.96 7.16
N ASP A 161 -9.53 -6.25 7.41
CA ASP A 161 -9.02 -6.78 8.68
C ASP A 161 -7.85 -7.72 8.38
N HIS A 162 -6.66 -7.28 8.81
CA HIS A 162 -5.41 -7.93 8.55
C HIS A 162 -5.32 -9.34 9.12
N ASN A 163 -6.08 -9.63 10.16
CA ASN A 163 -6.08 -10.98 10.74
C ASN A 163 -6.90 -11.96 9.92
N LEU A 164 -7.80 -11.40 9.09
CA LEU A 164 -8.81 -12.12 8.37
C LEU A 164 -8.54 -12.24 6.86
N GLN A 165 -7.69 -11.35 6.34
CA GLN A 165 -7.64 -11.00 4.94
C GLN A 165 -6.23 -10.67 4.55
N LEU A 166 -5.82 -11.06 3.34
CA LEU A 166 -4.51 -10.66 2.84
C LEU A 166 -4.72 -9.54 1.86
N CYS A 167 -3.69 -8.73 1.67
CA CYS A 167 -3.73 -7.61 0.73
C CYS A 167 -2.76 -7.93 -0.46
N VAL A 168 -3.32 -8.22 -1.63
CA VAL A 168 -2.51 -8.85 -2.66
C VAL A 168 -2.44 -8.04 -3.96
N GLY A 169 -1.23 -7.67 -4.36
CA GLY A 169 -1.03 -7.08 -5.67
C GLY A 169 -0.44 -5.70 -5.58
N ASN A 170 0.81 -5.61 -5.97
CA ASN A 170 1.53 -4.33 -6.03
C ASN A 170 0.71 -3.33 -6.87
N PRO A 171 0.26 -2.22 -6.26
CA PRO A 171 -0.55 -1.23 -7.01
C PRO A 171 0.20 -0.56 -8.18
N ARG A 172 1.52 -0.59 -8.21
CA ARG A 172 2.28 0.02 -9.31
C ARG A 172 2.22 -0.81 -10.61
N LYS A 173 1.71 -2.03 -10.52
CA LYS A 173 1.64 -2.96 -11.66
C LYS A 173 0.18 -3.18 -12.02
N THR A 174 -0.06 -3.87 -13.12
CA THR A 174 -1.44 -4.20 -13.49
C THR A 174 -1.79 -5.65 -13.17
N LYS A 175 -0.79 -6.52 -12.92
CA LYS A 175 -1.05 -7.92 -12.56
C LYS A 175 -2.06 -8.05 -11.41
N SER A 176 -3.11 -8.83 -11.57
CA SER A 176 -4.14 -8.95 -10.52
C SER A 176 -5.04 -10.16 -10.75
N ALA A 177 -5.66 -10.71 -9.69
CA ALA A 177 -6.79 -11.60 -9.87
C ALA A 177 -7.97 -10.69 -10.24
N PHE A 178 -9.01 -11.24 -10.87
CA PHE A 178 -10.21 -10.46 -11.22
C PHE A 178 -11.47 -11.36 -11.29
N LYS A 179 -12.58 -10.83 -11.81
CA LYS A 179 -13.86 -11.54 -11.92
C LYS A 179 -13.66 -12.93 -12.49
N GLY A 180 -14.18 -13.94 -11.81
CA GLY A 180 -14.04 -15.34 -12.23
C GLY A 180 -12.94 -16.09 -11.50
N ASP A 181 -11.95 -15.36 -10.98
CA ASP A 181 -10.87 -15.95 -10.21
C ASP A 181 -11.29 -16.25 -8.77
N SER A 182 -12.40 -15.66 -8.33
CA SER A 182 -12.87 -15.75 -6.98
C SER A 182 -12.93 -17.20 -6.56
N GLY A 183 -12.46 -17.50 -5.35
CA GLY A 183 -12.48 -18.83 -4.80
C GLY A 183 -11.18 -19.57 -5.04
N GLY A 184 -10.33 -19.05 -5.92
CA GLY A 184 -9.09 -19.72 -6.25
C GLY A 184 -8.04 -19.48 -5.22
N PRO A 185 -7.05 -20.40 -5.10
CA PRO A 185 -6.03 -20.36 -4.06
C PRO A 185 -4.90 -19.38 -4.34
N LEU A 186 -4.34 -18.81 -3.29
CA LEU A 186 -3.11 -18.07 -3.43
C LEU A 186 -1.99 -18.93 -2.80
N LEU A 187 -0.93 -19.26 -3.54
CA LEU A 187 0.13 -20.12 -2.98
C LEU A 187 1.38 -19.36 -2.68
N CYS A 188 1.92 -19.53 -1.49
CA CYS A 188 3.25 -19.01 -1.17
C CYS A 188 4.08 -20.21 -0.75
N ALA A 189 5.27 -20.32 -1.33
CA ALA A 189 6.15 -21.48 -1.12
C ALA A 189 5.36 -22.78 -1.05
N GLY A 190 4.52 -23.02 -2.05
CA GLY A 190 3.81 -24.29 -2.15
C GLY A 190 2.62 -24.52 -1.23
N VAL A 191 2.35 -23.60 -0.29
CA VAL A 191 1.18 -23.77 0.60
C VAL A 191 0.02 -22.82 0.28
N ALA A 192 -1.20 -23.33 0.33
CA ALA A 192 -2.35 -22.45 0.16
C ALA A 192 -2.48 -21.50 1.34
N GLN A 193 -2.25 -20.20 1.10
CA GLN A 193 -2.36 -19.16 2.12
C GLN A 193 -3.60 -18.29 1.98
N GLY A 194 -4.14 -18.19 0.78
CA GLY A 194 -5.15 -17.20 0.54
C GLY A 194 -6.23 -17.75 -0.38
N ILE A 195 -7.41 -17.13 -0.32
CA ILE A 195 -8.54 -17.39 -1.24
C ILE A 195 -8.93 -16.07 -1.88
N VAL A 196 -8.90 -16.01 -3.22
CA VAL A 196 -9.34 -14.83 -3.96
C VAL A 196 -10.74 -14.52 -3.50
N SER A 197 -10.95 -13.29 -3.03
CA SER A 197 -12.25 -12.86 -2.50
C SER A 197 -12.82 -11.72 -3.36
N TYR A 198 -12.23 -10.53 -3.28
CA TYR A 198 -12.75 -9.43 -4.09
C TYR A 198 -11.75 -8.30 -4.28
N GLY A 199 -12.08 -7.40 -5.17
CA GLY A 199 -11.30 -6.21 -5.44
C GLY A 199 -12.11 -5.21 -6.24
N ARG A 200 -11.40 -4.21 -6.79
CA ARG A 200 -12.03 -3.09 -7.47
C ARG A 200 -12.64 -3.53 -8.80
N SER A 201 -13.84 -3.01 -9.13
CA SER A 201 -14.43 -3.18 -10.47
C SER A 201 -13.49 -2.81 -11.64
N ASP A 202 -12.54 -1.88 -11.43
CA ASP A 202 -11.65 -1.51 -12.52
C ASP A 202 -10.38 -2.33 -12.51
N ALA A 203 -10.29 -3.30 -11.61
CA ALA A 203 -9.16 -4.25 -11.64
C ALA A 203 -7.79 -3.68 -11.21
N LYS A 204 -7.77 -2.46 -10.70
CA LYS A 204 -6.56 -1.87 -10.15
C LYS A 204 -6.22 -2.59 -8.83
N PRO A 205 -5.04 -3.24 -8.77
CA PRO A 205 -4.55 -3.90 -7.55
C PRO A 205 -4.28 -2.88 -6.41
N PRO A 206 -4.24 -3.34 -5.15
CA PRO A 206 -4.31 -4.73 -4.71
C PRO A 206 -5.76 -5.24 -4.63
N ALA A 207 -5.93 -6.56 -4.57
CA ALA A 207 -7.21 -7.13 -4.24
C ALA A 207 -7.16 -7.82 -2.85
N VAL A 208 -8.34 -8.13 -2.32
CA VAL A 208 -8.53 -8.78 -1.01
C VAL A 208 -8.68 -10.30 -1.14
N PHE A 209 -7.87 -11.04 -0.37
CA PHE A 209 -7.97 -12.50 -0.35
C PHE A 209 -8.30 -12.90 1.09
N THR A 210 -9.01 -13.99 1.28
CA THR A 210 -9.26 -14.45 2.62
C THR A 210 -7.97 -15.12 3.13
N ARG A 211 -7.58 -14.88 4.38
CA ARG A 211 -6.39 -15.47 4.96
C ARG A 211 -6.76 -16.83 5.54
N ILE A 212 -6.36 -17.91 4.88
CA ILE A 212 -6.85 -19.26 5.20
C ILE A 212 -6.42 -19.70 6.60
N SER A 213 -5.25 -19.27 7.04
CA SER A 213 -4.71 -19.71 8.31
C SER A 213 -5.65 -19.43 9.49
N HIS A 214 -6.32 -18.27 9.48
CA HIS A 214 -7.27 -17.92 10.49
C HIS A 214 -8.42 -18.89 10.57
N TYR A 215 -8.77 -19.51 9.46
CA TYR A 215 -9.97 -20.38 9.36
C TYR A 215 -9.71 -21.88 9.58
N ARG A 216 -8.44 -22.21 9.88
CA ARG A 216 -8.04 -23.59 10.13
C ARG A 216 -8.94 -24.33 11.15
N PRO A 217 -9.24 -23.71 12.31
CA PRO A 217 -10.13 -24.46 13.19
C PRO A 217 -11.52 -24.68 12.60
N TRP A 218 -11.98 -23.76 11.75
CA TRP A 218 -13.36 -23.86 11.24
C TRP A 218 -13.41 -24.94 10.19
N ILE A 219 -12.33 -25.03 9.41
CA ILE A 219 -12.17 -26.07 8.41
C ILE A 219 -12.18 -27.43 9.12
N ASN A 220 -11.37 -27.54 10.19
CA ASN A 220 -11.30 -28.78 10.96
C ASN A 220 -12.66 -29.30 11.36
N GLN A 221 -13.50 -28.43 11.90
CA GLN A 221 -14.80 -28.86 12.43
C GLN A 221 -15.73 -29.32 11.32
N ILE A 222 -15.66 -28.69 10.14
CA ILE A 222 -16.43 -29.18 9.01
C ILE A 222 -15.96 -30.57 8.54
N LEU A 223 -14.65 -30.75 8.40
CA LEU A 223 -14.09 -32.02 7.88
C LEU A 223 -14.36 -33.19 8.84
N GLN A 224 -14.24 -32.94 10.14
CA GLN A 224 -14.41 -33.97 11.16
C GLN A 224 -15.85 -34.38 11.35
N ALA A 225 -16.79 -33.51 11.02
CA ALA A 225 -18.22 -33.83 11.16
C ALA A 225 -18.71 -34.50 9.89
N ASN A 226 -17.91 -34.43 8.83
CA ASN A 226 -18.32 -34.88 7.51
C ASN A 226 -17.26 -35.78 6.84
N ILE B 1 23.57 22.53 1.22
CA ILE B 1 24.51 23.21 2.16
C ILE B 1 24.99 24.52 1.52
N ILE B 2 24.73 25.64 2.18
CA ILE B 2 25.25 26.93 1.73
C ILE B 2 26.54 27.24 2.49
N GLY B 3 27.57 27.65 1.76
CA GLY B 3 28.82 28.11 2.37
C GLY B 3 29.70 26.99 2.91
N GLY B 4 29.40 25.76 2.50
CA GLY B 4 30.13 24.58 2.94
C GLY B 4 31.25 24.23 1.98
N THR B 5 31.76 23.02 2.10
CA THR B 5 32.78 22.50 1.21
C THR B 5 32.48 21.03 0.92
N GLU B 6 33.20 20.44 -0.05
CA GLU B 6 32.98 19.04 -0.43
C GLU B 6 33.60 18.11 0.62
N CYS B 7 32.87 17.07 1.02
CA CYS B 7 33.40 16.11 1.99
C CYS B 7 34.48 15.25 1.38
N LYS B 8 35.45 14.83 2.20
CA LYS B 8 36.28 13.72 1.78
C LYS B 8 35.27 12.64 1.39
N PRO B 9 35.38 12.08 0.18
CA PRO B 9 34.37 11.13 -0.26
C PRO B 9 34.24 9.91 0.66
N HIS B 10 33.01 9.52 0.94
CA HIS B 10 32.72 8.38 1.81
C HIS B 10 33.28 8.54 3.18
N SER B 11 33.42 9.76 3.66
CA SER B 11 33.94 9.95 5.02
C SER B 11 32.78 10.11 6.00
N ARG B 12 31.57 10.26 5.48
CA ARG B 12 30.38 10.24 6.29
C ARG B 12 29.51 9.06 5.84
N PRO B 13 29.91 7.83 6.23
CA PRO B 13 29.30 6.60 5.69
C PRO B 13 27.83 6.37 6.06
N TYR B 14 27.31 7.11 7.03
CA TYR B 14 25.90 6.97 7.46
C TYR B 14 24.92 7.73 6.59
N MET B 15 25.42 8.64 5.75
CA MET B 15 24.55 9.47 4.90
C MET B 15 23.65 8.69 3.92
N ALA B 16 22.37 9.01 3.95
CA ALA B 16 21.46 8.44 2.98
C ALA B 16 20.94 9.55 2.05
N TYR B 17 20.87 9.25 0.76
CA TYR B 17 20.15 10.09 -0.21
C TYR B 17 18.82 9.40 -0.50
N LEU B 18 17.74 10.17 -0.43
CA LEU B 18 16.37 9.65 -0.50
C LEU B 18 15.70 10.20 -1.73
N GLU B 19 15.22 9.31 -2.60
CA GLU B 19 14.48 9.71 -3.78
C GLU B 19 13.01 9.36 -3.51
N ILE B 20 12.17 10.38 -3.43
CA ILE B 20 10.80 10.24 -2.97
C ILE B 20 9.81 10.44 -4.11
N VAL B 21 9.04 9.41 -4.42
CA VAL B 21 8.07 9.49 -5.52
C VAL B 21 6.71 9.82 -4.97
N THR B 22 6.05 10.76 -5.64
CA THR B 22 4.63 10.98 -5.39
C THR B 22 3.78 10.68 -6.63
N PRO B 26 7.28 14.38 -11.05
CA PRO B 26 8.09 13.21 -10.78
C PRO B 26 8.46 13.08 -9.30
N SER B 27 9.77 13.04 -9.03
CA SER B 27 10.24 12.69 -7.69
C SER B 27 11.01 13.81 -6.98
N LYS B 28 10.87 13.90 -5.66
CA LYS B 28 11.59 14.89 -4.84
C LYS B 28 12.72 14.24 -4.04
N PHE B 29 13.55 15.05 -3.38
N PHE B 29 13.59 15.04 -3.42
CA PHE B 29 14.80 14.53 -2.81
CA PHE B 29 14.74 14.47 -2.73
C PHE B 29 15.10 15.11 -1.41
C PHE B 29 15.05 15.08 -1.39
N CYS B 30 15.69 14.28 -0.55
CA CYS B 30 16.04 14.64 0.82
C CYS B 30 17.28 13.84 1.24
N GLY B 31 17.91 14.25 2.33
CA GLY B 31 18.90 13.40 2.98
C GLY B 31 18.35 12.70 4.21
N GLY B 32 19.22 12.03 4.92
CA GLY B 32 18.82 11.25 6.09
C GLY B 32 19.98 10.36 6.41
N PHE B 33 19.86 9.58 7.47
CA PHE B 33 20.99 8.79 7.91
C PHE B 33 20.63 7.42 8.43
N LEU B 34 21.60 6.51 8.33
CA LEU B 34 21.44 5.12 8.68
C LEU B 34 21.64 4.89 10.19
N ILE B 35 20.60 4.46 10.91
CA ILE B 35 20.76 4.20 12.34
C ILE B 35 20.75 2.70 12.73
N ARG B 36 20.18 1.86 11.86
CA ARG B 36 20.36 0.40 11.91
C ARG B 36 20.59 -0.05 10.48
N ARG B 37 21.03 -1.28 10.29
CA ARG B 37 21.23 -1.80 8.94
C ARG B 37 19.97 -1.69 8.07
N ASN B 38 18.79 -1.71 8.69
CA ASN B 38 17.58 -1.53 7.88
C ASN B 38 16.67 -0.38 8.34
N PHE B 39 17.29 0.65 8.94
CA PHE B 39 16.53 1.81 9.37
C PHE B 39 17.27 3.11 9.10
N VAL B 40 16.55 4.02 8.46
CA VAL B 40 17.05 5.35 8.17
C VAL B 40 16.15 6.35 8.90
N LEU B 41 16.77 7.34 9.53
CA LEU B 41 16.09 8.42 10.21
C LEU B 41 16.10 9.62 9.28
N THR B 42 14.94 10.24 9.11
CA THR B 42 14.78 11.38 8.21
C THR B 42 13.64 12.32 8.73
N ALA B 43 13.33 13.38 7.98
CA ALA B 43 12.29 14.34 8.37
C ALA B 43 10.92 13.83 7.97
N ALA B 44 9.92 14.08 8.80
CA ALA B 44 8.54 13.72 8.44
C ALA B 44 8.14 14.28 7.07
N HIS B 45 8.52 15.52 6.77
CA HIS B 45 8.01 16.15 5.56
C HIS B 45 8.58 15.59 4.27
N CYS B 46 9.60 14.74 4.39
CA CYS B 46 10.09 13.99 3.27
C CYS B 46 9.19 12.79 2.86
N ALA B 47 8.08 12.56 3.58
CA ALA B 47 7.24 11.39 3.30
C ALA B 47 6.64 11.45 1.88
N GLY B 48 6.58 10.31 1.22
CA GLY B 48 5.93 10.21 -0.09
C GLY B 48 5.18 8.91 -0.24
N ARG B 49 4.79 8.59 -1.46
CA ARG B 49 4.08 7.35 -1.78
C ARG B 49 5.07 6.17 -1.78
N SER B 50 6.26 6.37 -2.35
CA SER B 50 7.33 5.39 -2.28
C SER B 50 8.68 6.09 -2.26
N ILE B 51 9.63 5.49 -1.53
CA ILE B 51 10.92 6.09 -1.28
C ILE B 51 12.01 5.06 -1.59
N THR B 52 13.09 5.52 -2.22
CA THR B 52 14.27 4.71 -2.50
C THR B 52 15.49 5.36 -1.84
N VAL B 53 16.28 4.56 -1.14
CA VAL B 53 17.38 5.06 -0.36
C VAL B 53 18.67 4.64 -1.04
N THR B 54 19.61 5.56 -1.20
CA THR B 54 20.94 5.25 -1.72
C THR B 54 21.99 5.48 -0.65
N LEU B 55 22.64 4.40 -0.21
CA LEU B 55 23.74 4.50 0.75
C LEU B 55 25.08 4.40 0.04
N GLY B 56 26.10 4.99 0.64
CA GLY B 56 27.49 4.85 0.15
C GLY B 56 27.82 5.70 -1.06
N ALA B 57 27.05 6.76 -1.29
CA ALA B 57 27.26 7.67 -2.42
C ALA B 57 28.19 8.84 -2.08
N HIS B 58 28.79 9.44 -3.10
CA HIS B 58 29.45 10.73 -2.91
C HIS B 58 28.87 11.67 -3.93
N ASN B 59 29.28 11.49 -5.18
CA ASN B 59 28.58 12.08 -6.30
C ASN B 59 27.34 11.22 -6.56
N ILE B 60 26.17 11.82 -6.33
CA ILE B 60 24.90 11.08 -6.40
C ILE B 60 24.49 10.76 -7.86
N THR B 61 25.17 11.35 -8.85
CA THR B 61 24.82 11.13 -10.27
C THR B 61 25.68 10.06 -10.92
N GLU B 62 26.69 9.59 -10.16
CA GLU B 62 27.65 8.58 -10.62
C GLU B 62 27.61 7.29 -9.77
N GLU B 63 27.04 6.24 -10.32
CA GLU B 63 27.03 4.96 -9.64
C GLU B 63 28.47 4.46 -9.39
N GLU B 64 28.63 3.67 -8.33
CA GLU B 64 29.92 3.06 -8.01
C GLU B 64 29.73 1.84 -7.12
N ASP B 65 30.79 1.03 -7.04
CA ASP B 65 30.80 -0.22 -6.30
C ASP B 65 30.42 -0.02 -4.84
N THR B 66 30.48 1.21 -4.36
CA THR B 66 30.13 1.50 -2.99
C THR B 66 28.62 1.68 -2.79
N TRP B 67 27.84 1.84 -3.86
CA TRP B 67 26.39 2.09 -3.65
C TRP B 67 25.67 0.94 -3.04
N GLN B 68 24.75 1.24 -2.15
CA GLN B 68 23.76 0.24 -1.78
C GLN B 68 22.46 0.95 -1.90
N LYS B 69 21.68 0.50 -2.87
CA LYS B 69 20.40 1.13 -3.18
C LYS B 69 19.29 0.19 -2.73
N LEU B 70 18.35 0.68 -1.92
CA LEU B 70 17.35 -0.18 -1.26
C LEU B 70 15.94 0.45 -1.23
N GLU B 71 14.89 -0.34 -1.41
CA GLU B 71 13.53 0.17 -1.31
C GLU B 71 13.12 0.30 0.14
N VAL B 72 12.38 1.35 0.44
CA VAL B 72 11.71 1.51 1.75
C VAL B 72 10.41 0.72 1.73
N ILE B 73 10.28 -0.23 2.67
CA ILE B 73 9.04 -1.00 2.82
C ILE B 73 8.05 -0.46 3.87
N LYS B 74 8.52 0.40 4.78
CA LYS B 74 7.60 1.00 5.74
C LYS B 74 8.04 2.39 6.15
N GLN B 75 7.06 3.27 6.23
CA GLN B 75 7.26 4.66 6.61
C GLN B 75 6.58 4.87 7.96
N PHE B 76 7.37 5.19 8.98
CA PHE B 76 6.85 5.52 10.31
C PHE B 76 7.00 7.02 10.57
N ARG B 77 6.02 7.78 10.12
CA ARG B 77 6.01 9.22 10.36
C ARG B 77 5.50 9.47 11.77
N HIS B 78 6.16 10.37 12.49
CA HIS B 78 5.79 10.64 13.90
C HIS B 78 4.34 11.01 14.02
N PRO B 79 3.58 10.31 14.86
CA PRO B 79 2.11 10.50 14.83
C PRO B 79 1.63 11.92 15.18
N LYS B 80 2.46 12.72 15.83
CA LYS B 80 2.01 14.05 16.23
C LYS B 80 2.51 15.14 15.28
N TYR B 81 3.18 14.73 14.19
CA TYR B 81 3.66 15.66 13.17
C TYR B 81 2.53 16.52 12.65
N ASN B 82 2.80 17.82 12.60
CA ASN B 82 1.81 18.81 12.22
C ASN B 82 2.41 19.79 11.22
N THR B 83 1.67 20.11 10.15
CA THR B 83 2.27 20.89 9.09
C THR B 83 2.17 22.41 9.28
N SER B 84 1.45 22.86 10.30
CA SER B 84 1.35 24.29 10.58
C SER B 84 2.57 24.79 11.30
N THR B 85 3.07 23.97 12.23
CA THR B 85 4.20 24.31 13.09
C THR B 85 5.45 23.54 12.69
N LEU B 86 5.25 22.47 11.91
CA LEU B 86 6.26 21.45 11.60
C LEU B 86 6.93 20.85 12.84
N HIS B 87 6.19 20.78 13.95
CA HIS B 87 6.63 20.03 15.14
C HIS B 87 6.63 18.57 14.85
N HIS B 88 7.58 17.86 15.46
CA HIS B 88 7.69 16.41 15.30
C HIS B 88 8.02 16.00 13.89
N ASP B 89 8.81 16.83 13.21
CA ASP B 89 9.25 16.57 11.86
C ASP B 89 10.36 15.51 11.98
N ILE B 90 9.93 14.26 12.12
CA ILE B 90 10.84 13.11 12.31
C ILE B 90 10.13 11.86 11.80
N MET B 91 10.89 10.95 11.20
CA MET B 91 10.35 9.79 10.52
C MET B 91 11.42 8.70 10.35
N LEU B 92 11.03 7.45 10.61
CA LEU B 92 11.89 6.29 10.42
C LEU B 92 11.41 5.51 9.23
N LEU B 93 12.35 5.14 8.36
CA LEU B 93 12.04 4.33 7.20
C LEU B 93 12.69 2.95 7.40
N LYS B 94 11.90 1.88 7.27
CA LYS B 94 12.45 0.53 7.31
C LYS B 94 12.79 0.07 5.88
N LEU B 95 14.02 -0.41 5.69
CA LEU B 95 14.50 -0.83 4.37
C LEU B 95 14.03 -2.25 4.01
N LYS B 96 13.98 -2.56 2.71
CA LYS B 96 13.50 -3.88 2.29
C LYS B 96 14.45 -5.01 2.74
N GLU B 97 15.74 -4.74 2.74
CA GLU B 97 16.73 -5.68 3.22
C GLU B 97 17.69 -4.87 4.07
N LYS B 98 18.55 -5.55 4.84
CA LYS B 98 19.56 -4.89 5.64
C LYS B 98 20.76 -4.50 4.79
N ALA B 99 21.31 -3.33 5.09
CA ALA B 99 22.51 -2.85 4.41
C ALA B 99 23.71 -3.65 4.90
N SER B 100 24.77 -3.69 4.10
CA SER B 100 26.02 -4.35 4.45
C SER B 100 26.94 -3.28 4.97
N LEU B 101 27.47 -3.47 6.18
CA LEU B 101 28.41 -2.53 6.75
C LEU B 101 29.76 -2.66 6.03
N THR B 102 30.18 -1.58 5.38
CA THR B 102 31.45 -1.47 4.67
C THR B 102 32.10 -0.20 5.17
N LEU B 103 33.26 0.14 4.62
CA LEU B 103 33.97 1.41 4.91
C LEU B 103 33.19 2.66 4.47
N ALA B 104 32.41 2.52 3.40
CA ALA B 104 31.61 3.60 2.83
C ALA B 104 30.15 3.58 3.30
N VAL B 105 29.75 2.54 4.03
CA VAL B 105 28.35 2.45 4.57
C VAL B 105 28.34 1.93 6.02
N GLY B 106 27.93 2.78 6.96
CA GLY B 106 27.91 2.46 8.38
C GLY B 106 26.78 3.18 9.11
N THR B 107 26.54 2.82 10.38
CA THR B 107 25.48 3.45 11.18
C THR B 107 26.00 4.59 12.08
N LEU B 108 25.06 5.37 12.64
CA LEU B 108 25.36 6.51 13.50
C LEU B 108 24.52 6.53 14.79
N PRO B 109 25.18 6.51 15.97
CA PRO B 109 24.57 6.68 17.30
C PRO B 109 23.69 7.94 17.47
N PHE B 110 22.72 7.84 18.38
CA PHE B 110 21.70 8.89 18.59
C PHE B 110 21.38 9.03 20.10
N PRO B 111 21.18 10.28 20.61
CA PRO B 111 21.18 10.57 22.06
C PRO B 111 19.85 10.29 22.78
N VAL B 117 22.12 19.17 25.20
CA VAL B 117 23.07 19.76 24.25
C VAL B 117 22.96 21.29 24.18
N PRO B 118 23.90 22.01 24.87
CA PRO B 118 23.83 23.47 25.09
C PRO B 118 23.96 24.31 23.80
N PRO B 119 23.47 25.57 23.83
CA PRO B 119 23.79 26.55 22.77
C PRO B 119 25.23 27.08 22.88
N GLY B 120 25.82 27.44 21.74
CA GLY B 120 27.21 27.88 21.68
C GLY B 120 28.13 26.92 20.93
N ARG B 121 27.85 25.62 21.03
CA ARG B 121 28.68 24.57 20.39
C ARG B 121 28.72 24.65 18.85
N MET B 122 29.87 24.27 18.27
CA MET B 122 30.04 24.18 16.82
C MET B 122 29.77 22.76 16.35
N CYS B 123 28.79 22.62 15.47
CA CYS B 123 28.32 21.33 14.96
C CYS B 123 28.47 21.27 13.44
N ARG B 124 28.50 20.06 12.91
CA ARG B 124 28.60 19.87 11.45
C ARG B 124 27.33 19.24 10.88
N VAL B 125 26.88 19.77 9.75
CA VAL B 125 25.75 19.21 9.00
C VAL B 125 26.20 18.88 7.56
N ALA B 126 25.64 17.84 6.96
CA ALA B 126 25.97 17.46 5.59
C ALA B 126 24.76 17.15 4.69
N GLY B 127 24.90 17.32 3.38
CA GLY B 127 23.80 16.97 2.46
C GLY B 127 24.05 17.28 0.99
N TRP B 128 23.09 16.89 0.15
CA TRP B 128 23.09 17.18 -1.30
C TRP B 128 22.23 18.32 -1.72
N GLY B 129 21.70 19.09 -0.77
CA GLY B 129 20.85 20.23 -1.12
C GLY B 129 21.48 21.37 -1.91
N ARG B 130 20.67 22.39 -2.17
CA ARG B 130 21.11 23.58 -2.89
C ARG B 130 22.29 24.25 -2.20
N THR B 131 23.16 24.83 -3.00
CA THR B 131 24.34 25.45 -2.47
C THR B 131 24.20 26.98 -2.44
N GLY B 132 23.00 27.46 -2.77
CA GLY B 132 22.67 28.89 -2.77
C GLY B 132 21.16 29.00 -2.95
N VAL B 133 20.60 30.19 -2.81
CA VAL B 133 19.15 30.33 -2.95
C VAL B 133 18.64 29.90 -4.34
N LEU B 134 19.34 30.31 -5.39
CA LEU B 134 18.89 30.02 -6.77
C LEU B 134 19.79 28.97 -7.48
N LYS B 135 20.49 28.19 -6.67
CA LYS B 135 21.40 27.17 -7.17
C LYS B 135 20.76 25.78 -7.23
N PRO B 136 21.29 24.89 -8.08
CA PRO B 136 20.80 23.51 -8.03
C PRO B 136 21.34 22.77 -6.81
N GLY B 137 20.79 21.58 -6.54
CA GLY B 137 21.34 20.65 -5.56
C GLY B 137 22.79 20.27 -5.88
N SER B 138 23.55 19.97 -4.85
CA SER B 138 24.95 19.58 -5.08
C SER B 138 25.03 18.11 -5.55
N ASP B 139 25.75 17.87 -6.63
CA ASP B 139 25.97 16.48 -7.06
C ASP B 139 26.77 15.72 -6.03
N THR B 140 27.67 16.44 -5.37
CA THR B 140 28.55 15.84 -4.39
C THR B 140 28.08 16.20 -2.98
N LEU B 141 28.20 15.24 -2.06
CA LEU B 141 27.94 15.54 -0.65
C LEU B 141 28.81 16.72 -0.16
N GLN B 142 28.15 17.69 0.44
CA GLN B 142 28.79 18.88 1.00
C GLN B 142 28.62 18.86 2.51
N GLU B 143 29.48 19.58 3.23
CA GLU B 143 29.37 19.71 4.68
C GLU B 143 29.69 21.11 5.12
N VAL B 144 29.11 21.51 6.25
CA VAL B 144 29.41 22.82 6.80
C VAL B 144 29.34 22.77 8.32
N LYS B 145 30.14 23.63 8.94
CA LYS B 145 30.17 23.79 10.38
C LYS B 145 29.27 24.96 10.76
N LEU B 146 28.29 24.73 11.63
CA LEU B 146 27.33 25.77 12.04
C LEU B 146 27.27 25.94 13.56
N ARG B 147 26.95 27.15 14.01
CA ARG B 147 26.90 27.39 15.46
C ARG B 147 25.48 27.14 16.01
N LEU B 148 25.38 26.46 17.15
CA LEU B 148 24.11 26.38 17.86
C LEU B 148 23.80 27.74 18.45
N MET B 149 22.54 28.16 18.36
CA MET B 149 22.11 29.43 18.90
C MET B 149 21.15 29.23 20.06
N ASP B 150 21.03 30.24 20.92
CA ASP B 150 20.04 30.22 21.99
C ASP B 150 18.67 30.25 21.31
N PRO B 151 17.70 29.46 21.84
CA PRO B 151 16.34 29.42 21.33
C PRO B 151 15.83 30.80 20.93
N GLN B 152 16.32 31.84 21.62
CA GLN B 152 15.98 33.24 21.34
C GLN B 152 16.14 33.64 19.85
N ALA B 153 17.24 33.22 19.21
CA ALA B 153 17.54 33.55 17.80
C ALA B 153 16.56 32.94 16.78
N CYS B 154 15.74 31.99 17.23
CA CYS B 154 14.74 31.39 16.36
C CYS B 154 13.29 31.86 16.63
N SER B 155 13.08 32.63 17.70
CA SER B 155 11.71 32.99 18.16
C SER B 155 10.79 33.51 17.05
N HIS B 156 11.38 34.01 15.95
CA HIS B 156 10.62 34.49 14.79
C HIS B 156 9.97 33.39 14.00
N PHE B 157 10.28 32.15 14.34
CA PHE B 157 9.57 31.00 13.78
C PHE B 157 8.32 30.70 14.61
N ARG B 158 7.28 30.21 13.94
CA ARG B 158 5.97 29.94 14.55
C ARG B 158 6.06 28.77 15.53
N ASP B 159 5.84 29.09 16.81
CA ASP B 159 5.99 28.11 17.91
C ASP B 159 7.29 27.29 17.83
N PHE B 160 8.44 27.96 17.81
CA PHE B 160 9.70 27.31 18.11
C PHE B 160 9.72 26.89 19.58
N ASP B 161 9.94 25.60 19.82
CA ASP B 161 9.90 25.01 21.15
C ASP B 161 11.27 24.39 21.38
N HIS B 162 12.02 24.95 22.35
CA HIS B 162 13.40 24.55 22.64
C HIS B 162 13.58 23.13 23.07
N ASN B 163 12.55 22.57 23.69
CA ASN B 163 12.52 21.16 24.04
C ASN B 163 12.39 20.24 22.82
N LEU B 164 11.82 20.75 21.73
CA LEU B 164 11.59 19.95 20.55
C LEU B 164 12.60 20.26 19.46
N GLN B 165 13.13 21.48 19.46
CA GLN B 165 13.85 22.00 18.32
C GLN B 165 15.18 22.67 18.69
N LEU B 166 16.11 22.69 17.75
CA LEU B 166 17.40 23.36 17.93
C LEU B 166 17.42 24.53 16.99
N CYS B 167 18.25 25.52 17.31
CA CYS B 167 18.32 26.72 16.53
C CYS B 167 19.74 26.86 16.01
N VAL B 168 19.93 26.52 14.75
CA VAL B 168 21.27 26.23 14.22
C VAL B 168 21.72 27.24 13.16
N GLY B 169 22.88 27.86 13.39
CA GLY B 169 23.47 28.79 12.41
C GLY B 169 23.64 30.21 12.91
N ASN B 170 24.86 30.71 12.85
CA ASN B 170 25.19 32.06 13.25
C ASN B 170 24.66 33.06 12.20
N PRO B 171 23.66 33.90 12.58
CA PRO B 171 23.01 34.76 11.58
C PRO B 171 23.88 35.88 10.99
N ARG B 172 25.10 36.05 11.48
CA ARG B 172 26.04 36.99 10.84
C ARG B 172 26.74 36.33 9.63
N LYS B 173 26.93 35.02 9.71
CA LYS B 173 27.51 34.26 8.59
C LYS B 173 26.39 33.76 7.67
N THR B 174 26.68 33.62 6.38
CA THR B 174 25.68 33.09 5.41
C THR B 174 25.63 31.56 5.35
N LYS B 175 26.54 30.88 6.06
CA LYS B 175 26.57 29.41 6.14
C LYS B 175 25.26 28.82 6.66
N SER B 176 24.70 27.83 5.96
CA SER B 176 23.46 27.16 6.41
C SER B 176 23.10 25.89 5.64
N ALA B 177 22.28 25.03 6.24
CA ALA B 177 21.56 23.98 5.50
C ALA B 177 20.46 24.66 4.69
N PHE B 178 19.94 23.99 3.64
CA PHE B 178 18.88 24.56 2.78
C PHE B 178 18.06 23.46 2.07
N LYS B 179 17.11 23.87 1.22
CA LYS B 179 16.31 22.92 0.42
C LYS B 179 17.17 21.77 -0.08
N GLY B 180 16.70 20.54 0.17
CA GLY B 180 17.41 19.34 -0.24
C GLY B 180 18.24 18.72 0.88
N ASP B 181 18.64 19.52 1.88
CA ASP B 181 19.32 18.99 3.06
C ASP B 181 18.35 18.42 4.11
N SER B 182 17.05 18.73 3.99
CA SER B 182 16.05 18.25 4.96
C SER B 182 16.24 16.76 5.21
N GLY B 183 16.25 16.37 6.48
CA GLY B 183 16.44 14.98 6.86
C GLY B 183 17.84 14.68 7.36
N GLY B 184 18.81 15.44 6.86
CA GLY B 184 20.20 15.24 7.20
C GLY B 184 20.51 15.44 8.66
N PRO B 185 21.52 14.73 9.18
CA PRO B 185 21.91 14.82 10.59
C PRO B 185 22.84 15.99 10.91
N LEU B 186 22.72 16.47 12.14
CA LEU B 186 23.63 17.45 12.69
C LEU B 186 24.47 16.72 13.72
N LEU B 187 25.77 16.72 13.50
CA LEU B 187 26.69 16.06 14.43
C LEU B 187 27.45 17.08 15.27
N CYS B 188 27.46 16.89 16.58
CA CYS B 188 28.31 17.70 17.47
C CYS B 188 29.10 16.68 18.25
N ALA B 189 30.43 16.78 18.11
CA ALA B 189 31.38 15.78 18.63
C ALA B 189 30.99 14.33 18.28
N GLY B 190 30.65 14.09 17.03
CA GLY B 190 30.40 12.72 16.56
C GLY B 190 29.08 12.07 16.96
N VAL B 191 28.21 12.82 17.65
CA VAL B 191 26.87 12.32 17.99
C VAL B 191 25.81 13.10 17.19
N ALA B 192 24.90 12.37 16.54
CA ALA B 192 23.75 12.98 15.89
C ALA B 192 22.87 13.66 16.92
N GLN B 193 22.73 14.97 16.81
CA GLN B 193 21.86 15.73 17.73
C GLN B 193 20.57 16.19 17.06
N GLY B 194 20.65 16.55 15.78
CA GLY B 194 19.51 17.12 15.07
C GLY B 194 19.31 16.62 13.65
N ILE B 195 18.10 16.83 13.14
CA ILE B 195 17.68 16.46 11.80
C ILE B 195 17.21 17.75 11.13
N VAL B 196 17.76 18.06 9.94
CA VAL B 196 17.35 19.27 9.24
C VAL B 196 15.85 19.27 9.06
N SER B 197 15.17 20.28 9.56
CA SER B 197 13.74 20.37 9.37
C SER B 197 13.38 21.46 8.36
N TYR B 198 13.50 22.73 8.75
CA TYR B 198 13.17 23.82 7.85
C TYR B 198 13.84 25.11 8.25
N GLY B 199 13.71 26.10 7.39
CA GLY B 199 14.26 27.42 7.66
C GLY B 199 13.66 28.37 6.67
N ARG B 200 14.31 29.51 6.51
CA ARG B 200 13.75 30.62 5.74
C ARG B 200 13.90 30.42 4.24
N SER B 201 12.89 30.87 3.50
CA SER B 201 12.91 30.85 2.05
C SER B 201 14.15 31.48 1.41
N ASP B 202 14.71 32.50 2.06
CA ASP B 202 15.87 33.21 1.54
C ASP B 202 17.16 32.69 2.17
N ALA B 203 17.05 31.53 2.81
CA ALA B 203 18.20 30.76 3.29
C ALA B 203 19.04 31.47 4.35
N LYS B 204 18.51 32.57 4.91
CA LYS B 204 19.16 33.32 5.99
C LYS B 204 19.16 32.55 7.32
N PRO B 205 20.36 32.10 7.76
CA PRO B 205 20.41 31.31 8.99
C PRO B 205 20.07 32.18 10.17
N PRO B 206 19.55 31.59 11.26
CA PRO B 206 19.55 30.17 11.57
C PRO B 206 18.38 29.41 10.98
N ALA B 207 18.49 28.08 11.05
CA ALA B 207 17.47 27.17 10.57
C ALA B 207 16.98 26.34 11.75
N VAL B 208 15.82 25.73 11.59
CA VAL B 208 15.27 24.84 12.60
C VAL B 208 15.65 23.39 12.27
N PHE B 209 16.07 22.66 13.29
CA PHE B 209 16.34 21.24 13.19
C PHE B 209 15.47 20.56 14.24
N THR B 210 15.14 19.29 14.03
CA THR B 210 14.48 18.51 15.08
C THR B 210 15.52 18.25 16.18
N ARG B 211 15.09 18.24 17.43
CA ARG B 211 15.99 17.82 18.52
C ARG B 211 15.80 16.31 18.73
N ILE B 212 16.74 15.52 18.19
CA ILE B 212 16.69 14.06 18.26
C ILE B 212 16.54 13.52 19.69
N SER B 213 17.29 14.09 20.64
CA SER B 213 17.20 13.68 22.05
C SER B 213 15.74 13.47 22.50
N HIS B 214 14.85 14.41 22.16
CA HIS B 214 13.45 14.33 22.60
C HIS B 214 12.68 13.10 22.12
N TYR B 215 13.14 12.52 21.02
CA TYR B 215 12.37 11.47 20.32
C TYR B 215 12.93 10.06 20.54
N ARG B 216 14.01 9.98 21.30
CA ARG B 216 14.59 8.69 21.70
C ARG B 216 13.55 7.66 22.15
N PRO B 217 12.62 8.03 23.06
CA PRO B 217 11.63 7.02 23.49
C PRO B 217 10.81 6.48 22.32
N TRP B 218 10.35 7.38 21.44
CA TRP B 218 9.55 7.03 20.29
C TRP B 218 10.33 6.23 19.30
N ILE B 219 11.60 6.60 19.08
CA ILE B 219 12.47 5.88 18.17
C ILE B 219 12.62 4.44 18.67
N ASN B 220 12.97 4.29 19.95
CA ASN B 220 13.05 2.98 20.61
C ASN B 220 11.78 2.16 20.41
N GLN B 221 10.64 2.79 20.66
CA GLN B 221 9.33 2.16 20.46
C GLN B 221 9.21 1.58 19.05
N ILE B 222 9.50 2.36 18.01
CA ILE B 222 9.41 1.86 16.63
C ILE B 222 10.44 0.77 16.37
N LEU B 223 11.68 0.98 16.82
CA LEU B 223 12.72 -0.02 16.62
C LEU B 223 12.44 -1.34 17.35
N GLN B 224 11.92 -1.26 18.58
CA GLN B 224 11.60 -2.46 19.34
C GLN B 224 10.46 -3.19 18.64
N ALA B 225 9.44 -2.45 18.23
CA ALA B 225 8.24 -3.04 17.66
C ALA B 225 8.43 -3.64 16.27
N ASN B 226 9.59 -3.39 15.66
CA ASN B 226 9.81 -3.74 14.25
C ASN B 226 11.16 -4.40 13.98
N VAL C 6 -40.59 -16.59 -6.87
CA VAL C 6 -39.89 -15.41 -7.50
C VAL C 6 -40.21 -14.08 -6.79
N THR C 7 -39.17 -13.40 -6.31
CA THR C 7 -39.24 -12.11 -5.62
C THR C 7 -38.64 -11.04 -6.55
N LEU C 8 -39.47 -10.15 -7.11
CA LEU C 8 -39.01 -9.09 -8.02
C LEU C 8 -38.88 -7.74 -7.35
N PHE C 9 -37.74 -7.10 -7.57
CA PHE C 9 -37.51 -5.73 -7.15
C PHE C 9 -37.16 -4.85 -8.36
N VAL C 10 -37.32 -3.54 -8.21
CA VAL C 10 -37.05 -2.58 -9.27
C VAL C 10 -36.10 -1.55 -8.67
N ALA C 11 -35.05 -1.18 -9.42
CA ALA C 11 -34.15 -0.11 -9.06
C ALA C 11 -34.83 1.24 -9.14
N LEU C 12 -34.61 2.03 -8.11
CA LEU C 12 -35.07 3.41 -8.08
C LEU C 12 -33.98 4.38 -8.54
N TYR C 13 -32.72 3.95 -8.55
CA TYR C 13 -31.56 4.80 -8.96
C TYR C 13 -30.52 4.02 -9.73
N ASP C 14 -29.78 4.72 -10.58
CA ASP C 14 -28.59 4.18 -11.20
C ASP C 14 -27.58 3.84 -10.10
N TYR C 15 -26.76 2.84 -10.36
CA TYR C 15 -25.71 2.51 -9.48
C TYR C 15 -24.55 1.94 -10.26
N ASN C 16 -23.36 2.44 -9.94
CA ASN C 16 -22.15 1.96 -10.59
C ASN C 16 -21.27 1.15 -9.65
N ALA C 17 -21.15 -0.16 -9.86
CA ALA C 17 -20.41 -1.02 -8.90
C ALA C 17 -18.98 -0.54 -8.66
N THR C 18 -18.52 -0.65 -7.44
CA THR C 18 -17.16 -0.39 -7.08
C THR C 18 -16.35 -1.68 -6.73
N ARG C 19 -17.06 -2.74 -6.35
CA ARG C 19 -16.44 -4.04 -6.05
C ARG C 19 -16.84 -5.00 -7.18
N TRP C 20 -15.89 -5.83 -7.62
CA TRP C 20 -16.17 -6.76 -8.71
C TRP C 20 -17.25 -7.77 -8.47
N THR C 21 -17.67 -7.94 -7.21
CA THR C 21 -18.80 -8.82 -6.86
C THR C 21 -20.19 -8.19 -7.04
N ASP C 22 -20.23 -6.92 -7.42
CA ASP C 22 -21.49 -6.15 -7.37
C ASP C 22 -21.97 -5.86 -8.76
N LEU C 23 -23.30 -5.80 -8.92
CA LEU C 23 -23.93 -5.37 -10.18
C LEU C 23 -23.93 -3.86 -10.31
N SER C 24 -23.76 -3.38 -11.54
CA SER C 24 -24.08 -2.02 -11.94
C SER C 24 -25.44 -2.04 -12.60
N PHE C 25 -26.26 -1.01 -12.40
CA PHE C 25 -27.59 -1.00 -13.01
C PHE C 25 -28.16 0.41 -13.26
N HIS C 26 -29.36 0.44 -13.82
CA HIS C 26 -30.02 1.68 -14.17
C HIS C 26 -31.33 1.80 -13.48
N LYS C 27 -31.69 3.04 -13.14
CA LYS C 27 -33.02 3.26 -12.62
C LYS C 27 -34.02 2.50 -13.51
N GLY C 28 -34.85 1.66 -12.92
CA GLY C 28 -35.99 1.06 -13.65
C GLY C 28 -35.79 -0.41 -13.97
N GLU C 29 -34.56 -0.88 -13.71
CA GLU C 29 -34.19 -2.26 -13.98
C GLU C 29 -34.80 -3.19 -12.95
N LYS C 30 -35.21 -4.38 -13.38
CA LYS C 30 -35.83 -5.37 -12.48
C LYS C 30 -34.88 -6.47 -12.09
N PHE C 31 -35.08 -7.02 -10.89
CA PHE C 31 -34.18 -7.99 -10.28
C PHE C 31 -34.98 -9.08 -9.61
N GLN C 32 -34.54 -10.32 -9.81
CA GLN C 32 -35.01 -11.41 -8.98
C GLN C 32 -34.01 -11.43 -7.84
N ILE C 33 -34.52 -11.33 -6.61
CA ILE C 33 -33.67 -11.36 -5.41
C ILE C 33 -33.43 -12.83 -5.06
N LEU C 34 -32.20 -13.25 -4.84
CA LEU C 34 -31.92 -14.66 -4.58
C LEU C 34 -31.68 -14.91 -3.11
N GLU C 35 -31.12 -13.93 -2.42
CA GLU C 35 -30.98 -13.99 -0.98
C GLU C 35 -30.93 -12.56 -0.48
N PHE C 36 -31.65 -12.32 0.61
CA PHE C 36 -31.65 -11.01 1.27
C PHE C 36 -30.48 -10.79 2.24
N GLY C 37 -29.27 -11.04 1.76
CA GLY C 37 -28.10 -10.88 2.59
C GLY C 37 -27.19 -12.06 2.39
N PRO C 38 -26.52 -12.54 3.47
CA PRO C 38 -26.58 -12.06 4.88
C PRO C 38 -25.87 -10.70 5.08
N GLY C 39 -26.62 -9.67 5.45
CA GLY C 39 -26.09 -8.31 5.45
C GLY C 39 -26.98 -7.41 4.59
N ASP C 40 -26.48 -6.21 4.27
CA ASP C 40 -27.32 -5.15 3.66
C ASP C 40 -27.17 -5.09 2.13
N TRP C 41 -26.30 -5.92 1.61
CA TRP C 41 -26.19 -6.14 0.17
C TRP C 41 -26.85 -7.45 -0.11
N TRP C 42 -27.60 -7.50 -1.21
CA TRP C 42 -28.40 -8.66 -1.55
C TRP C 42 -27.92 -9.28 -2.81
N GLU C 43 -27.94 -10.60 -2.84
CA GLU C 43 -27.66 -11.35 -4.04
C GLU C 43 -28.87 -11.30 -5.00
N ALA C 44 -28.61 -10.94 -6.25
CA ALA C 44 -29.69 -10.70 -7.19
C ALA C 44 -29.30 -11.05 -8.60
N ARG C 45 -30.27 -11.49 -9.38
CA ARG C 45 -30.12 -11.62 -10.80
C ARG C 45 -30.89 -10.52 -11.53
N SER C 46 -30.21 -9.80 -12.42
CA SER C 46 -30.86 -8.78 -13.25
C SER C 46 -31.69 -9.39 -14.34
N LEU C 47 -32.94 -8.93 -14.47
CA LEU C 47 -33.80 -9.35 -15.55
C LEU C 47 -33.48 -8.67 -16.91
N THR C 48 -32.65 -7.63 -16.89
CA THR C 48 -32.21 -6.99 -18.11
C THR C 48 -30.99 -7.76 -18.69
N THR C 49 -29.99 -8.03 -17.87
CA THR C 49 -28.72 -8.56 -18.41
C THR C 49 -28.41 -10.01 -18.03
N GLY C 50 -29.19 -10.59 -17.12
CA GLY C 50 -28.98 -11.94 -16.68
C GLY C 50 -27.78 -12.18 -15.79
N GLU C 51 -27.03 -11.11 -15.49
CA GLU C 51 -25.91 -11.16 -14.54
C GLU C 51 -26.38 -11.37 -13.09
N THR C 52 -25.53 -12.02 -12.31
CA THR C 52 -25.79 -12.26 -10.90
C THR C 52 -24.74 -11.59 -10.04
N GLY C 53 -25.18 -10.93 -8.96
CA GLY C 53 -24.28 -10.27 -8.02
C GLY C 53 -24.97 -9.49 -6.90
N TYR C 54 -24.18 -8.72 -6.15
CA TYR C 54 -24.70 -8.05 -4.98
C TYR C 54 -25.20 -6.68 -5.38
N ILE C 55 -26.33 -6.30 -4.79
CA ILE C 55 -26.87 -4.97 -4.99
C ILE C 55 -27.14 -4.31 -3.64
N PRO C 56 -26.97 -2.97 -3.57
CA PRO C 56 -27.26 -2.30 -2.32
C PRO C 56 -28.77 -2.27 -2.07
N SER C 57 -29.20 -2.68 -0.88
CA SER C 57 -30.63 -2.83 -0.63
C SER C 57 -31.46 -1.53 -0.70
N ASN C 58 -30.88 -0.37 -0.37
CA ASN C 58 -31.66 0.88 -0.47
C ASN C 58 -31.86 1.45 -1.88
N TYR C 59 -31.19 0.88 -2.88
CA TYR C 59 -31.36 1.31 -4.27
C TYR C 59 -32.56 0.67 -4.95
N VAL C 60 -33.20 -0.27 -4.27
CA VAL C 60 -34.28 -1.05 -4.89
C VAL C 60 -35.51 -1.11 -4.00
N ALA C 61 -36.66 -1.42 -4.59
CA ALA C 61 -37.93 -1.53 -3.88
C ALA C 61 -38.75 -2.66 -4.50
N PRO C 62 -39.61 -3.30 -3.69
CA PRO C 62 -40.50 -4.31 -4.24
C PRO C 62 -41.38 -3.72 -5.31
N VAL C 63 -41.51 -4.47 -6.40
CA VAL C 63 -42.52 -4.30 -7.41
C VAL C 63 -43.93 -4.33 -6.75
N ASP C 64 -44.93 -3.71 -7.38
CA ASP C 64 -46.28 -3.60 -6.80
C ASP C 64 -46.97 -4.95 -6.47
N SER C 65 -47.14 -5.80 -7.49
CA SER C 65 -47.69 -7.16 -7.29
C SER C 65 -46.88 -8.19 -8.08
N ILE C 66 -46.91 -9.44 -7.62
CA ILE C 66 -46.26 -10.55 -8.35
C ILE C 66 -47.22 -11.72 -8.48
N THR D 7 -9.69 16.44 -5.61
CA THR D 7 -8.26 16.77 -5.29
C THR D 7 -7.61 17.82 -6.20
N LEU D 8 -8.39 18.40 -7.13
CA LEU D 8 -7.96 19.59 -7.91
C LEU D 8 -8.34 20.95 -7.28
N PHE D 9 -7.35 21.74 -6.91
CA PHE D 9 -7.61 22.95 -6.15
C PHE D 9 -7.01 24.14 -6.84
N VAL D 10 -7.61 25.32 -6.63
CA VAL D 10 -7.10 26.57 -7.21
C VAL D 10 -6.85 27.64 -6.15
N ALA D 11 -5.78 28.39 -6.34
CA ALA D 11 -5.42 29.52 -5.49
C ALA D 11 -6.40 30.68 -5.69
N LEU D 12 -6.81 31.29 -4.57
CA LEU D 12 -7.76 32.39 -4.56
C LEU D 12 -7.02 33.71 -4.37
N TYR D 13 -5.81 33.61 -3.83
CA TYR D 13 -4.98 34.77 -3.48
C TYR D 13 -3.54 34.45 -3.82
N ASP D 14 -2.73 35.48 -4.06
CA ASP D 14 -1.28 35.28 -4.16
C ASP D 14 -0.72 34.95 -2.79
N TYR D 15 0.40 34.23 -2.78
CA TYR D 15 1.12 33.90 -1.57
C TYR D 15 2.61 33.76 -1.88
N ASN D 16 3.44 34.51 -1.16
CA ASN D 16 4.89 34.32 -1.26
C ASN D 16 5.35 33.59 0.00
N ALA D 17 6.05 32.48 -0.16
CA ALA D 17 6.39 31.63 0.98
C ALA D 17 7.50 32.23 1.85
N THR D 18 7.54 31.78 3.11
CA THR D 18 8.55 32.27 4.06
C THR D 18 9.38 31.13 4.64
N ARG D 19 8.82 29.92 4.60
CA ARG D 19 9.51 28.67 4.97
C ARG D 19 10.00 27.98 3.68
N TRP D 20 11.20 27.41 3.70
CA TRP D 20 11.68 26.74 2.49
C TRP D 20 10.92 25.47 2.15
N THR D 21 10.07 24.99 3.05
CA THR D 21 9.21 23.83 2.79
C THR D 21 7.92 24.18 2.02
N ASP D 22 7.68 25.47 1.78
CA ASP D 22 6.37 25.90 1.27
C ASP D 22 6.43 26.41 -0.17
N LEU D 23 5.32 26.31 -0.90
CA LEU D 23 5.28 26.82 -2.30
C LEU D 23 4.83 28.27 -2.32
N SER D 24 5.24 28.99 -3.35
CA SER D 24 4.78 30.35 -3.58
C SER D 24 3.90 30.22 -4.79
N PHE D 25 2.84 31.02 -4.90
CA PHE D 25 1.91 30.90 -6.01
C PHE D 25 1.11 32.18 -6.28
N HIS D 26 0.49 32.21 -7.45
CA HIS D 26 -0.32 33.32 -7.90
C HIS D 26 -1.76 32.87 -7.90
N LYS D 27 -2.64 33.83 -7.75
CA LYS D 27 -4.06 33.58 -7.87
C LYS D 27 -4.35 32.84 -9.16
N GLY D 28 -5.11 31.77 -9.08
CA GLY D 28 -5.58 31.10 -10.31
C GLY D 28 -4.70 29.93 -10.69
N GLU D 29 -3.54 29.83 -10.06
CA GLU D 29 -2.71 28.65 -10.15
C GLU D 29 -3.44 27.41 -9.57
N LYS D 30 -3.33 26.29 -10.28
CA LYS D 30 -4.00 25.04 -9.87
C LYS D 30 -3.01 24.08 -9.22
N PHE D 31 -3.53 23.19 -8.38
CA PHE D 31 -2.66 22.27 -7.62
C PHE D 31 -3.32 20.90 -7.56
N GLN D 32 -2.50 19.87 -7.52
CA GLN D 32 -2.95 18.55 -7.18
C GLN D 32 -2.56 18.35 -5.72
N ILE D 33 -3.53 18.20 -4.82
CA ILE D 33 -3.23 17.98 -3.41
C ILE D 33 -2.74 16.53 -3.23
N LEU D 34 -1.59 16.35 -2.59
CA LEU D 34 -1.06 15.00 -2.44
C LEU D 34 -1.45 14.39 -1.09
N GLU D 35 -1.56 15.24 -0.07
CA GLU D 35 -2.12 14.87 1.23
C GLU D 35 -2.73 16.10 1.88
N PHE D 36 -3.96 15.99 2.40
CA PHE D 36 -4.67 17.12 3.06
C PHE D 36 -4.30 17.29 4.55
N GLY D 37 -3.00 17.50 4.82
CA GLY D 37 -2.47 17.55 6.19
C GLY D 37 -1.10 16.90 6.32
N PRO D 38 -0.74 16.42 7.54
CA PRO D 38 -1.62 16.51 8.73
C PRO D 38 -1.54 17.90 9.35
N GLY D 39 -2.68 18.60 9.38
CA GLY D 39 -2.74 19.98 9.83
C GLY D 39 -3.33 20.90 8.76
N ASP D 40 -3.18 22.21 8.96
CA ASP D 40 -3.80 23.22 8.10
C ASP D 40 -3.01 23.55 6.85
N TRP D 41 -1.82 22.96 6.71
CA TRP D 41 -1.08 23.05 5.44
C TRP D 41 -1.12 21.73 4.73
N TRP D 42 -1.38 21.81 3.44
CA TRP D 42 -1.54 20.66 2.60
C TRP D 42 -0.39 20.50 1.65
N GLU D 43 0.03 19.25 1.44
CA GLU D 43 1.04 18.97 0.46
C GLU D 43 0.44 18.95 -0.91
N ALA D 44 1.02 19.74 -1.82
CA ALA D 44 0.48 19.96 -3.15
C ALA D 44 1.59 20.02 -4.18
N ARG D 45 1.25 19.58 -5.40
CA ARG D 45 2.06 19.83 -6.55
C ARG D 45 1.39 20.89 -7.42
N SER D 46 2.17 21.91 -7.76
CA SER D 46 1.72 22.96 -8.65
C SER D 46 1.62 22.46 -10.08
N LEU D 47 0.48 22.74 -10.72
CA LEU D 47 0.30 22.37 -12.12
C LEU D 47 1.01 23.30 -13.12
N THR D 48 1.41 24.50 -12.68
CA THR D 48 2.22 25.45 -13.46
C THR D 48 3.72 25.10 -13.40
N THR D 49 4.24 24.86 -12.20
CA THR D 49 5.69 24.73 -12.00
C THR D 49 6.17 23.30 -11.80
N GLY D 50 5.27 22.40 -11.42
CA GLY D 50 5.65 21.03 -11.06
C GLY D 50 6.32 20.90 -9.70
N GLU D 51 6.48 22.01 -9.00
CA GLU D 51 7.07 22.02 -7.68
C GLU D 51 6.11 21.41 -6.64
N THR D 52 6.67 20.89 -5.57
CA THR D 52 5.89 20.22 -4.55
C THR D 52 6.30 20.82 -3.25
N GLY D 53 5.32 21.09 -2.41
CA GLY D 53 5.51 21.73 -1.11
C GLY D 53 4.17 22.01 -0.44
N TYR D 54 4.25 22.59 0.76
CA TYR D 54 3.06 22.84 1.50
C TYR D 54 2.47 24.14 1.02
N ILE D 55 1.14 24.19 1.00
CA ILE D 55 0.37 25.41 0.76
C ILE D 55 -0.66 25.59 1.88
N PRO D 56 -0.99 26.85 2.26
CA PRO D 56 -1.97 27.03 3.33
C PRO D 56 -3.38 26.77 2.82
N SER D 57 -4.12 25.88 3.47
CA SER D 57 -5.41 25.44 2.89
C SER D 57 -6.47 26.52 2.82
N ASN D 58 -6.39 27.55 3.66
CA ASN D 58 -7.35 28.68 3.55
C ASN D 58 -7.19 29.49 2.25
N TYR D 59 -6.07 29.32 1.52
CA TYR D 59 -5.84 30.01 0.24
C TYR D 59 -6.42 29.34 -1.04
N VAL D 60 -6.96 28.13 -0.94
CA VAL D 60 -7.35 27.40 -2.14
C VAL D 60 -8.81 26.91 -2.06
N ALA D 61 -9.46 26.77 -3.21
CA ALA D 61 -10.83 26.26 -3.27
C ALA D 61 -10.88 25.06 -4.20
N PRO D 62 -11.82 24.13 -3.97
CA PRO D 62 -11.95 23.00 -4.91
C PRO D 62 -12.41 23.45 -6.32
N VAL D 63 -12.06 22.66 -7.34
CA VAL D 63 -12.60 22.83 -8.69
C VAL D 63 -13.14 21.50 -9.20
O1 TAR E . -15.67 -13.48 -9.46
O11 TAR E . -17.65 -12.68 -8.83
C1 TAR E . -16.93 -13.46 -9.50
C2 TAR E . -17.62 -14.45 -10.41
O2 TAR E . -18.80 -14.98 -9.79
C3 TAR E . -17.98 -13.84 -11.78
O3 TAR E . -18.48 -12.51 -11.61
C4 TAR E . -18.98 -14.72 -12.47
O4 TAR E . -20.19 -14.64 -12.10
O41 TAR E . -18.58 -15.51 -13.37
#